data_4U2N
#
_entry.id   4U2N
#
_cell.length_a   109.090
_cell.length_b   115.190
_cell.length_c   58.290
_cell.angle_alpha   90.000
_cell.angle_beta   90.000
_cell.angle_gamma   90.000
#
_symmetry.space_group_name_H-M   'P 21 21 2'
#
loop_
_entity.id
_entity.type
_entity.pdbx_description
1 polymer 'Zinc finger and BTB domain-containing protein 17,Nucleus accumbens-associated protein 1'
2 water water
#
_entity_poly.entity_id   1
_entity_poly.type   'polypeptide(L)'
_entity_poly.pdbx_seq_one_letter_code
;GPLGSDFPQHSQHVLEQLNQQRQLGLLCDCTFVVDGVHFKAHKAVLAACSEYFKMLFVDQKDVVHLDISNAAGLGQVLEF
MYTAKLSLSPENVDDVLAVATFLQMQDIITACHALKSLARSGGGSSGGSGTAQTLQMEIPNFGNSILECLNEQRLQGLYC
DVSVVVKGHAFKAHRAVLAASSSYFRDLFNNSRSAVVELPAAVQPQSFQQILSFCYTGRLSMNVGDQDLLMYTAGFLQIQ
EIMEKGTEFFLKVSS
;
_entity_poly.pdbx_strand_id   A,B
#
# COMPACT_ATOMS: atom_id res chain seq x y z
N SER A 5 -13.87 19.97 16.88
CA SER A 5 -13.61 19.68 18.32
C SER A 5 -12.78 18.37 18.53
N ASP A 6 -12.05 18.34 19.66
CA ASP A 6 -11.10 17.28 19.91
C ASP A 6 -11.62 16.39 21.07
N PHE A 7 -11.22 15.13 21.02
CA PHE A 7 -11.63 14.15 22.01
C PHE A 7 -10.35 13.67 22.65
N PRO A 8 -9.99 14.31 23.78
CA PRO A 8 -8.60 14.20 24.21
C PRO A 8 -8.25 12.81 24.71
N GLN A 9 -9.21 12.02 25.18
CA GLN A 9 -8.95 10.61 25.56
C GLN A 9 -9.01 9.61 24.38
N HIS A 10 -9.31 10.07 23.18
CA HIS A 10 -9.55 9.11 22.10
C HIS A 10 -8.40 8.13 21.88
N SER A 11 -7.23 8.68 21.69
CA SER A 11 -6.02 7.88 21.59
C SER A 11 -5.84 6.84 22.65
N GLN A 12 -6.09 7.21 23.91
CA GLN A 12 -5.89 6.29 24.97
C GLN A 12 -6.86 5.16 24.83
N HIS A 13 -8.12 5.48 24.58
CA HIS A 13 -9.16 4.47 24.46
C HIS A 13 -8.83 3.53 23.32
N VAL A 14 -8.27 4.04 22.22
CA VAL A 14 -7.85 3.18 21.15
C VAL A 14 -6.75 2.19 21.55
N LEU A 15 -5.73 2.70 22.22
CA LEU A 15 -4.65 1.86 22.71
C LEU A 15 -5.13 0.80 23.71
N GLU A 16 -5.97 1.18 24.64
CA GLU A 16 -6.58 0.20 25.54
C GLU A 16 -7.38 -0.89 24.78
N GLN A 17 -8.17 -0.48 23.79
CA GLN A 17 -8.87 -1.50 22.96
C GLN A 17 -7.91 -2.35 22.23
N LEU A 18 -6.88 -1.76 21.61
CA LEU A 18 -5.93 -2.56 20.86
C LEU A 18 -5.32 -3.55 21.85
N ASN A 19 -5.02 -3.07 23.05
CA ASN A 19 -4.51 -4.00 24.08
C ASN A 19 -5.41 -5.11 24.49
N GLN A 20 -6.65 -4.81 24.80
CA GLN A 20 -7.61 -5.85 25.06
C GLN A 20 -7.83 -6.82 23.91
N GLN A 21 -7.75 -6.37 22.66
CA GLN A 21 -7.92 -7.28 21.52
C GLN A 21 -6.80 -8.32 21.54
N ARG A 22 -5.66 -7.86 21.99
CA ARG A 22 -4.48 -8.69 22.08
C ARG A 22 -4.64 -9.77 23.13
N GLN A 23 -5.00 -9.38 24.34
CA GLN A 23 -5.13 -10.31 25.48
C GLN A 23 -6.24 -11.36 25.30
N LEU A 24 -7.16 -11.14 24.37
CA LEU A 24 -8.20 -12.11 24.09
C LEU A 24 -8.03 -12.82 22.77
N GLY A 25 -7.00 -12.47 22.00
CA GLY A 25 -6.78 -13.11 20.70
C GLY A 25 -7.49 -12.50 19.52
N LEU A 26 -8.27 -11.46 19.75
CA LEU A 26 -9.22 -11.00 18.74
C LEU A 26 -8.58 -9.96 17.86
N LEU A 27 -8.79 -10.08 16.52
CA LEU A 27 -8.40 -9.08 15.54
C LEU A 27 -6.90 -8.82 15.43
N CYS A 28 -6.08 -9.78 15.80
CA CYS A 28 -4.65 -9.63 15.71
C CYS A 28 -4.30 -10.24 14.37
N ASP A 29 -3.09 -10.01 13.91
CA ASP A 29 -2.64 -10.43 12.57
C ASP A 29 -1.24 -11.08 12.56
N CYS A 30 -0.67 -11.31 13.75
CA CYS A 30 0.56 -12.06 13.88
C CYS A 30 0.66 -12.67 15.26
N THR A 31 1.59 -13.60 15.44
CA THR A 31 1.65 -14.40 16.67
C THR A 31 3.06 -14.84 16.96
N PHE A 32 3.47 -14.64 18.20
CA PHE A 32 4.74 -15.10 18.67
C PHE A 32 4.55 -16.39 19.46
N VAL A 33 5.26 -17.48 19.11
CA VAL A 33 5.27 -18.67 19.97
C VAL A 33 6.64 -18.97 20.52
N VAL A 34 6.74 -18.95 21.84
CA VAL A 34 7.96 -19.13 22.51
C VAL A 34 7.73 -19.89 23.83
N ASP A 35 8.51 -20.95 24.10
CA ASP A 35 8.37 -21.72 25.34
C ASP A 35 6.93 -22.22 25.57
N GLY A 36 6.28 -22.63 24.49
CA GLY A 36 4.87 -22.98 24.54
C GLY A 36 3.84 -21.85 24.64
N VAL A 37 4.25 -20.64 25.03
CA VAL A 37 3.29 -19.52 25.15
C VAL A 37 3.05 -18.84 23.81
N HIS A 38 1.78 -18.51 23.54
CA HIS A 38 1.39 -17.73 22.36
C HIS A 38 1.07 -16.27 22.73
N PHE A 39 1.63 -15.31 22.02
CA PHE A 39 1.28 -13.90 22.19
C PHE A 39 0.83 -13.38 20.82
N LYS A 40 -0.40 -12.90 20.75
CA LYS A 40 -0.91 -12.36 19.51
C LYS A 40 -0.69 -10.90 19.60
N ALA A 41 -0.53 -10.27 18.44
CA ALA A 41 -0.23 -8.86 18.38
C ALA A 41 -0.61 -8.32 17.01
N HIS A 42 -0.46 -7.05 16.81
CA HIS A 42 -0.73 -6.42 15.50
C HIS A 42 0.54 -5.86 14.91
N LYS A 43 0.78 -6.21 13.63
CA LYS A 43 1.97 -5.77 12.95
C LYS A 43 2.07 -4.27 12.97
N ALA A 44 0.95 -3.59 12.78
CA ALA A 44 1.00 -2.15 12.65
C ALA A 44 1.42 -1.47 13.99
N VAL A 45 1.09 -2.05 15.12
CA VAL A 45 1.49 -1.46 16.41
C VAL A 45 2.97 -1.79 16.63
N LEU A 46 3.37 -3.03 16.30
CA LEU A 46 4.75 -3.41 16.49
C LEU A 46 5.62 -2.45 15.70
N ALA A 47 5.24 -2.22 14.46
CA ALA A 47 6.05 -1.44 13.54
C ALA A 47 6.04 0.00 13.96
N ALA A 48 4.95 0.46 14.52
CA ALA A 48 4.95 1.83 14.99
C ALA A 48 5.87 1.97 16.28
N CYS A 49 6.11 0.89 17.02
CA CYS A 49 6.96 0.95 18.24
C CYS A 49 8.46 0.65 18.08
N SER A 50 8.82 0.03 16.96
CA SER A 50 10.11 -0.62 16.80
C SER A 50 10.58 -0.66 15.33
N GLU A 51 11.73 -0.04 15.08
CA GLU A 51 12.39 -0.09 13.79
C GLU A 51 12.75 -1.50 13.42
N TYR A 52 13.04 -2.32 14.41
CA TYR A 52 13.33 -3.69 14.11
C TYR A 52 12.15 -4.36 13.41
N PHE A 53 10.94 -4.13 13.94
CA PHE A 53 9.79 -4.86 13.41
C PHE A 53 9.43 -4.31 12.04
N LYS A 54 9.48 -3.00 11.92
CA LYS A 54 9.23 -2.34 10.67
C LYS A 54 10.07 -3.00 9.61
N MET A 55 11.38 -3.12 9.84
CA MET A 55 12.30 -3.72 8.85
C MET A 55 12.04 -5.19 8.61
N LEU A 56 11.63 -5.85 9.68
CA LEU A 56 11.37 -7.25 9.54
C LEU A 56 10.22 -7.47 8.57
N PHE A 57 9.25 -6.56 8.59
CA PHE A 57 8.02 -6.76 7.82
C PHE A 57 8.17 -6.41 6.36
N VAL A 58 9.22 -5.65 5.98
CA VAL A 58 9.40 -5.31 4.58
C VAL A 58 9.77 -6.60 3.89
N ASP A 59 10.46 -7.50 4.59
CA ASP A 59 10.59 -8.85 4.10
C ASP A 59 9.28 -9.63 4.29
N LYS A 61 7.41 -12.71 4.40
CA LYS A 61 7.58 -14.11 4.74
C LYS A 61 6.49 -14.53 5.73
N ASP A 62 5.77 -15.61 5.42
CA ASP A 62 4.74 -16.19 6.33
C ASP A 62 5.24 -16.29 7.75
N VAL A 63 6.47 -16.79 7.91
CA VAL A 63 7.02 -17.17 9.20
C VAL A 63 8.48 -16.77 9.32
N VAL A 64 8.92 -16.43 10.53
CA VAL A 64 10.29 -16.04 10.74
C VAL A 64 10.74 -16.56 12.08
N HIS A 65 12.01 -16.97 12.17
CA HIS A 65 12.55 -17.48 13.42
C HIS A 65 13.32 -16.36 14.15
N LEU A 66 13.09 -16.21 15.45
CA LEU A 66 13.74 -15.16 16.22
C LEU A 66 14.42 -15.79 17.39
N ASP A 67 15.55 -15.22 17.77
CA ASP A 67 16.38 -15.73 18.86
C ASP A 67 16.02 -15.06 20.17
N ILE A 68 14.82 -15.34 20.56
CA ILE A 68 14.30 -14.97 21.87
C ILE A 68 13.76 -16.25 22.47
N SER A 69 14.07 -16.48 23.73
CA SER A 69 13.61 -17.68 24.42
C SER A 69 12.97 -17.41 25.79
N ASN A 70 12.94 -16.16 26.24
CA ASN A 70 12.27 -15.87 27.48
C ASN A 70 10.90 -15.35 27.14
N ALA A 71 9.88 -15.97 27.72
CA ALA A 71 8.51 -15.72 27.40
C ALA A 71 8.01 -14.57 28.23
N ALA A 72 8.33 -14.60 29.50
CA ALA A 72 7.96 -13.54 30.39
C ALA A 72 8.54 -12.23 29.91
N GLY A 73 9.78 -12.26 29.45
CA GLY A 73 10.43 -11.10 28.89
C GLY A 73 9.68 -10.55 27.67
N LEU A 74 9.22 -11.44 26.81
CA LEU A 74 8.62 -11.02 25.57
C LEU A 74 7.34 -10.43 25.96
N GLY A 75 6.71 -11.08 26.92
CA GLY A 75 5.44 -10.65 27.47
C GLY A 75 5.48 -9.25 27.97
N GLN A 76 6.57 -8.82 28.58
CA GLN A 76 6.62 -7.46 29.11
C GLN A 76 7.02 -6.40 28.09
N VAL A 77 7.89 -6.75 27.14
CA VAL A 77 8.18 -5.81 26.06
C VAL A 77 6.86 -5.57 25.32
N LEU A 78 6.04 -6.61 25.14
CA LEU A 78 4.75 -6.43 24.47
C LEU A 78 3.84 -5.54 25.25
N GLU A 79 3.77 -5.78 26.54
CA GLU A 79 2.95 -4.98 27.38
C GLU A 79 3.34 -3.53 27.30
N PHE A 80 4.63 -3.26 27.35
CA PHE A 80 5.10 -1.90 27.24
C PHE A 80 4.61 -1.28 25.92
N MET A 81 4.71 -2.01 24.83
CA MET A 81 4.37 -1.48 23.48
C MET A 81 2.91 -1.13 23.43
N TYR A 82 2.12 -1.90 24.16
CA TYR A 82 0.67 -1.71 24.25
C TYR A 82 0.13 -0.88 25.43
N THR A 83 0.97 -0.46 26.37
CA THR A 83 0.50 0.45 27.42
C THR A 83 1.43 1.60 27.73
N ALA A 84 2.61 1.62 27.14
CA ALA A 84 3.66 2.57 27.47
C ALA A 84 4.21 2.47 28.93
N LYS A 85 3.84 1.44 29.69
CA LYS A 85 4.44 1.20 31.01
C LYS A 85 5.43 0.03 31.03
N LEU A 86 6.55 0.29 31.66
CA LEU A 86 7.46 -0.76 32.07
C LEU A 86 7.95 -0.63 33.54
N SER A 87 7.84 -1.72 34.29
CA SER A 87 8.26 -1.79 35.68
C SER A 87 9.35 -2.82 35.76
N LEU A 88 10.56 -2.35 35.99
CA LEU A 88 11.72 -3.21 36.00
C LEU A 88 12.15 -3.46 37.44
N SER A 89 12.44 -4.73 37.73
CA SER A 89 12.94 -5.18 39.02
C SER A 89 14.11 -6.14 38.81
N PRO A 90 14.90 -6.40 39.87
CA PRO A 90 15.97 -7.37 39.67
C PRO A 90 15.42 -8.78 39.39
N GLU A 91 14.15 -9.06 39.71
CA GLU A 91 13.44 -10.28 39.25
C GLU A 91 13.33 -10.44 37.72
N ASN A 92 13.15 -9.34 37.00
CA ASN A 92 12.82 -9.48 35.56
C ASN A 92 13.79 -8.80 34.63
N VAL A 93 14.75 -8.06 35.19
CA VAL A 93 15.51 -7.19 34.33
C VAL A 93 16.29 -7.95 33.23
N ASP A 94 16.81 -9.14 33.54
CA ASP A 94 17.66 -9.86 32.56
C ASP A 94 16.87 -10.38 31.37
N ASP A 95 15.72 -10.95 31.69
CA ASP A 95 14.65 -11.34 30.77
C ASP A 95 14.33 -10.24 29.73
N VAL A 96 13.93 -9.10 30.26
CA VAL A 96 13.60 -7.97 29.45
C VAL A 96 14.77 -7.53 28.62
N LEU A 97 15.93 -7.49 29.28
CA LEU A 97 17.12 -7.02 28.63
C LEU A 97 17.49 -7.88 27.44
N ALA A 98 17.39 -9.21 27.58
CA ALA A 98 17.80 -10.08 26.48
C ALA A 98 16.84 -9.86 25.26
N VAL A 99 15.54 -9.81 25.54
CA VAL A 99 14.54 -9.44 24.53
C VAL A 99 14.75 -8.05 23.92
N ALA A 100 14.91 -7.00 24.77
CA ALA A 100 15.16 -5.66 24.21
C ALA A 100 16.43 -5.60 23.38
N THR A 101 17.42 -6.40 23.79
CA THR A 101 18.66 -6.45 23.08
C THR A 101 18.45 -7.03 21.70
N PHE A 102 17.74 -8.15 21.61
CA PHE A 102 17.52 -8.72 20.28
C PHE A 102 16.75 -7.72 19.36
N LEU A 103 15.74 -7.08 19.89
CA LEU A 103 14.87 -6.19 19.13
C LEU A 103 15.43 -4.80 18.93
N GLN A 104 16.65 -4.59 19.42
CA GLN A 104 17.36 -3.29 19.34
C GLN A 104 16.50 -2.14 19.78
N MET A 105 15.87 -2.33 20.94
CA MET A 105 15.11 -1.27 21.57
C MET A 105 15.97 -0.57 22.64
N GLN A 106 16.58 0.51 22.16
CA GLN A 106 17.66 1.25 22.85
C GLN A 106 17.19 1.85 24.16
N ASP A 107 15.98 2.39 24.17
CA ASP A 107 15.32 2.85 25.40
C ASP A 107 15.36 1.78 26.49
N ILE A 108 14.77 0.62 26.17
CA ILE A 108 14.54 -0.41 27.14
C ILE A 108 15.90 -0.88 27.60
N ILE A 109 16.83 -1.01 26.67
CA ILE A 109 18.17 -1.48 26.96
C ILE A 109 18.84 -0.56 27.98
N THR A 110 18.90 0.74 27.66
CA THR A 110 19.62 1.66 28.53
C THR A 110 18.93 1.61 29.89
N ALA A 111 17.59 1.48 29.92
CA ALA A 111 16.94 1.44 31.20
C ALA A 111 17.27 0.17 32.00
N CYS A 112 17.41 -0.95 31.32
CA CYS A 112 17.85 -2.14 31.98
C CYS A 112 19.29 -2.04 32.54
N HIS A 113 20.18 -1.41 31.75
CA HIS A 113 21.56 -1.22 32.16
C HIS A 113 21.66 -0.38 33.40
N ALA A 114 20.83 0.66 33.44
CA ALA A 114 20.78 1.56 34.55
C ALA A 114 20.40 0.82 35.81
N LEU A 115 19.23 0.19 35.78
CA LEU A 115 18.78 -0.56 36.94
C LEU A 115 19.89 -1.49 37.40
N LYS A 116 20.59 -2.13 36.46
CA LYS A 116 21.56 -3.19 36.81
C LYS A 116 22.86 -2.66 37.41
N SER A 117 23.29 -1.45 37.00
CA SER A 117 24.43 -0.79 37.65
C SER A 117 24.28 -0.63 39.19
N LEU A 118 23.06 -0.64 39.73
CA LEU A 118 22.88 -0.58 41.20
C LEU A 118 23.39 -1.85 41.92
N ALA A 132 17.43 -3.78 47.12
CA ALA A 132 16.18 -3.53 46.40
C ALA A 132 16.27 -2.24 45.55
N GLN A 133 15.89 -2.42 44.28
CA GLN A 133 16.10 -1.48 43.20
C GLN A 133 14.89 -1.69 42.23
N THR A 134 13.97 -0.71 42.13
CA THR A 134 12.89 -0.71 41.10
C THR A 134 12.95 0.55 40.22
N LEU A 135 12.40 0.45 39.00
CA LEU A 135 12.55 1.47 37.93
C LEU A 135 11.31 1.39 37.06
N GLN A 136 10.49 2.44 37.11
CA GLN A 136 9.28 2.54 36.28
C GLN A 136 9.59 3.51 35.16
N MET A 137 9.17 3.13 33.96
CA MET A 137 9.10 4.04 32.79
C MET A 137 7.68 4.21 32.23
N GLU A 138 7.43 5.39 31.69
CA GLU A 138 6.16 5.74 31.08
C GLU A 138 6.49 6.70 29.93
N ILE A 139 6.21 6.33 28.68
CA ILE A 139 6.43 7.23 27.53
C ILE A 139 5.23 8.16 27.50
N PRO A 140 5.43 9.49 27.70
CA PRO A 140 4.25 10.38 27.86
C PRO A 140 3.46 10.51 26.54
N ASN A 141 2.13 10.58 26.60
CA ASN A 141 1.27 10.72 25.39
C ASN A 141 1.56 9.64 24.32
N PHE A 142 1.65 8.40 24.78
CA PHE A 142 2.04 7.33 23.91
C PHE A 142 0.91 7.10 22.90
N GLY A 143 -0.30 7.20 23.40
CA GLY A 143 -1.52 6.96 22.67
C GLY A 143 -1.45 7.78 21.43
N ASN A 144 -1.33 9.09 21.67
CA ASN A 144 -1.17 10.05 20.62
C ASN A 144 -0.12 9.65 19.61
N SER A 145 1.07 9.31 20.08
CA SER A 145 2.10 9.04 19.14
C SER A 145 1.76 7.82 18.28
N ILE A 146 1.19 6.79 18.89
CA ILE A 146 0.97 5.56 18.18
C ILE A 146 -0.14 5.79 17.16
N LEU A 147 -1.15 6.53 17.56
CA LEU A 147 -2.23 6.77 16.71
C LEU A 147 -1.74 7.52 15.48
N GLU A 148 -0.81 8.45 15.68
CA GLU A 148 -0.27 9.23 14.58
C GLU A 148 0.43 8.35 13.60
N CYS A 149 1.17 7.36 14.12
CA CYS A 149 1.81 6.45 13.22
C CYS A 149 0.79 5.60 12.45
N LEU A 150 -0.34 5.27 13.08
CA LEU A 150 -1.29 4.37 12.46
C LEU A 150 -1.99 5.14 11.33
N ASN A 151 -2.27 6.40 11.58
CA ASN A 151 -2.76 7.29 10.55
C ASN A 151 -1.79 7.34 9.38
N GLU A 152 -0.51 7.61 9.67
CA GLU A 152 0.46 7.71 8.61
C GLU A 152 0.50 6.43 7.81
N GLN A 153 0.50 5.30 8.49
CA GLN A 153 0.54 4.03 7.79
C GLN A 153 -0.64 4.00 6.85
N ARG A 154 -1.78 4.47 7.39
CA ARG A 154 -3.05 4.30 6.71
C ARG A 154 -3.03 5.08 5.39
N LEU A 155 -2.56 6.33 5.46
CA LEU A 155 -2.39 7.19 4.29
C LEU A 155 -1.51 6.63 3.18
N GLN A 156 -0.76 5.55 3.46
CA GLN A 156 0.07 4.88 2.47
C GLN A 156 -0.29 3.42 2.26
N GLY A 157 -1.39 2.98 2.84
CA GLY A 157 -1.82 1.60 2.64
C GLY A 157 -1.02 0.57 3.42
N LEU A 158 -0.19 1.03 4.37
CA LEU A 158 0.68 0.07 5.12
C LEU A 158 -0.13 -0.72 6.15
N TYR A 159 -0.05 -2.06 6.05
CA TYR A 159 -0.73 -3.01 6.92
C TYR A 159 -2.27 -2.98 6.82
N CYS A 160 -2.83 -2.16 5.94
CA CYS A 160 -4.28 -2.13 5.76
C CYS A 160 -4.78 -3.45 5.21
N ASP A 161 -5.72 -4.04 5.92
CA ASP A 161 -6.26 -5.35 5.61
C ASP A 161 -7.79 -5.25 5.39
N VAL A 162 -8.28 -4.04 5.09
CA VAL A 162 -9.62 -3.89 4.64
C VAL A 162 -9.80 -2.62 3.85
N SER A 163 -10.75 -2.67 2.92
CA SER A 163 -11.28 -1.44 2.33
C SER A 163 -12.80 -1.34 2.58
N VAL A 164 -13.22 -0.12 2.83
CA VAL A 164 -14.58 0.22 3.09
C VAL A 164 -15.03 1.02 1.88
N VAL A 165 -15.96 0.45 1.12
CA VAL A 165 -16.45 1.12 -0.12
C VAL A 165 -17.72 1.89 0.19
N VAL A 166 -17.71 3.19 -0.07
CA VAL A 166 -18.85 4.08 0.12
C VAL A 166 -19.15 4.80 -1.20
N LYS A 167 -20.15 4.28 -1.95
CA LYS A 167 -20.55 4.85 -3.27
C LYS A 167 -19.42 4.90 -4.32
N GLY A 168 -18.81 3.76 -4.62
CA GLY A 168 -17.64 3.75 -5.50
C GLY A 168 -16.27 4.21 -4.95
N HIS A 169 -16.23 4.86 -3.77
CA HIS A 169 -14.95 5.32 -3.19
C HIS A 169 -14.44 4.27 -2.19
N ALA A 170 -13.24 3.77 -2.43
CA ALA A 170 -12.62 2.82 -1.52
C ALA A 170 -11.78 3.57 -0.46
N PHE A 171 -11.99 3.25 0.81
CA PHE A 171 -11.11 3.75 1.89
C PHE A 171 -10.37 2.57 2.44
N LYS A 172 -9.06 2.65 2.40
CA LYS A 172 -8.20 1.67 3.03
C LYS A 172 -8.16 1.93 4.56
N ALA A 173 -8.02 0.87 5.36
CA ALA A 173 -7.89 1.01 6.78
C ALA A 173 -7.45 -0.27 7.40
N HIS A 174 -7.08 -0.18 8.70
CA HIS A 174 -6.85 -1.35 9.59
C HIS A 174 -8.10 -1.85 10.34
N ARG A 175 -8.43 -3.11 10.15
CA ARG A 175 -9.51 -3.73 10.84
C ARG A 175 -9.48 -3.37 12.33
N ALA A 176 -8.32 -3.52 12.92
CA ALA A 176 -8.20 -3.40 14.36
C ALA A 176 -8.44 -2.00 14.84
N VAL A 177 -8.02 -1.02 14.07
CA VAL A 177 -8.28 0.36 14.49
C VAL A 177 -9.80 0.74 14.41
N LEU A 178 -10.44 0.36 13.32
CA LEU A 178 -11.85 0.60 13.15
C LEU A 178 -12.62 -0.08 14.29
N ALA A 179 -12.24 -1.29 14.62
CA ALA A 179 -12.90 -1.99 15.67
C ALA A 179 -12.65 -1.39 17.03
N ALA A 180 -11.61 -0.60 17.17
CA ALA A 180 -11.33 0.00 18.45
C ALA A 180 -12.35 1.03 18.77
N SER A 181 -12.88 1.71 17.75
CA SER A 181 -13.88 2.77 17.97
C SER A 181 -15.36 2.37 17.69
N SER A 182 -15.59 1.35 16.86
CA SER A 182 -16.88 1.03 16.34
C SER A 182 -17.25 -0.36 16.69
N SER A 183 -18.38 -0.53 17.36
CA SER A 183 -18.84 -1.90 17.62
C SER A 183 -19.38 -2.58 16.38
N TYR A 184 -19.80 -1.80 15.41
CA TYR A 184 -20.23 -2.43 14.18
C TYR A 184 -19.02 -3.13 13.60
N PHE A 185 -17.93 -2.40 13.45
CA PHE A 185 -16.72 -2.99 12.85
C PHE A 185 -16.08 -4.06 13.72
N ARG A 186 -16.09 -3.88 15.03
CA ARG A 186 -15.67 -4.95 15.93
C ARG A 186 -16.41 -6.26 15.72
N ASP A 187 -17.72 -6.20 15.74
CA ASP A 187 -18.59 -7.37 15.48
C ASP A 187 -18.39 -7.92 14.06
N LEU A 188 -18.34 -7.07 13.05
CA LEU A 188 -18.16 -7.56 11.67
C LEU A 188 -16.85 -8.28 11.54
N PHE A 189 -15.76 -7.63 11.92
CA PHE A 189 -14.44 -8.28 11.76
C PHE A 189 -14.19 -9.46 12.72
N ASN A 190 -14.88 -9.56 13.84
CA ASN A 190 -14.71 -10.74 14.64
C ASN A 190 -15.33 -11.98 13.98
N ASN A 191 -16.30 -11.79 13.09
CA ASN A 191 -17.03 -12.94 12.54
C ASN A 191 -16.65 -13.26 11.10
N SER A 192 -16.53 -12.26 10.26
CA SER A 192 -16.15 -12.50 8.89
C SER A 192 -14.71 -12.01 8.72
N ARG A 193 -14.00 -12.62 7.76
CA ARG A 193 -12.64 -12.23 7.37
C ARG A 193 -12.60 -11.61 5.98
N SER A 194 -13.74 -11.08 5.50
CA SER A 194 -13.78 -10.46 4.19
C SER A 194 -13.06 -9.10 4.20
N ALA A 195 -12.29 -8.87 3.14
CA ALA A 195 -11.43 -7.71 2.99
C ALA A 195 -12.12 -6.50 2.35
N VAL A 196 -13.40 -6.63 2.02
CA VAL A 196 -14.18 -5.52 1.42
C VAL A 196 -15.52 -5.43 2.08
N VAL A 197 -15.97 -4.22 2.29
CA VAL A 197 -17.05 -3.98 3.17
C VAL A 197 -17.83 -2.81 2.61
N GLU A 198 -19.11 -2.98 2.32
CA GLU A 198 -19.92 -1.89 1.80
C GLU A 198 -20.82 -1.40 2.91
N LEU A 199 -21.06 -0.12 2.97
CA LEU A 199 -21.95 0.44 3.96
C LEU A 199 -23.30 0.83 3.36
N PRO A 200 -24.35 0.84 4.18
CA PRO A 200 -25.68 1.24 3.72
C PRO A 200 -25.67 2.49 2.82
N ALA A 201 -26.59 2.47 1.87
CA ALA A 201 -26.63 3.44 0.83
C ALA A 201 -26.74 4.84 1.40
N ALA A 202 -27.31 5.01 2.57
CA ALA A 202 -27.43 6.38 3.10
C ALA A 202 -26.09 7.04 3.40
N VAL A 203 -25.03 6.24 3.57
CA VAL A 203 -23.78 6.80 4.06
C VAL A 203 -23.04 7.46 2.91
N GLN A 204 -22.74 8.74 3.07
CA GLN A 204 -21.97 9.51 2.08
C GLN A 204 -20.43 9.45 2.27
N PRO A 205 -19.67 9.61 1.16
CA PRO A 205 -18.23 9.60 1.24
C PRO A 205 -17.67 10.66 2.17
N GLN A 206 -18.18 11.87 2.11
CA GLN A 206 -17.70 12.91 2.99
C GLN A 206 -17.92 12.59 4.47
N SER A 207 -19.03 11.92 4.76
CA SER A 207 -19.39 11.55 6.12
C SER A 207 -18.50 10.44 6.67
N PHE A 208 -18.33 9.36 5.91
CA PHE A 208 -17.44 8.33 6.33
C PHE A 208 -16.02 8.87 6.48
N GLN A 209 -15.66 9.83 5.65
CA GLN A 209 -14.36 10.43 5.68
C GLN A 209 -14.12 11.01 7.03
N GLN A 210 -15.05 11.83 7.50
CA GLN A 210 -14.91 12.50 8.78
C GLN A 210 -14.87 11.52 9.91
N ILE A 211 -15.57 10.42 9.74
CA ILE A 211 -15.63 9.42 10.78
C ILE A 211 -14.27 8.76 10.79
N LEU A 212 -13.77 8.44 9.61
CA LEU A 212 -12.50 7.73 9.48
C LEU A 212 -11.39 8.56 10.05
N SER A 213 -11.45 9.84 9.84
CA SER A 213 -10.46 10.72 10.34
C SER A 213 -10.51 10.75 11.87
N PHE A 214 -11.69 10.84 12.43
CA PHE A 214 -11.88 10.79 13.88
C PHE A 214 -11.35 9.49 14.51
N CYS A 215 -11.56 8.36 13.85
CA CYS A 215 -11.10 7.10 14.41
C CYS A 215 -9.60 7.11 14.50
N TYR A 216 -8.96 7.76 13.54
CA TYR A 216 -7.50 7.77 13.43
C TYR A 216 -6.79 9.00 14.04
N THR A 217 -7.52 10.03 14.48
CA THR A 217 -6.89 11.29 14.96
C THR A 217 -7.56 11.89 16.18
N GLY A 218 -8.75 11.43 16.56
CA GLY A 218 -9.50 12.01 17.68
C GLY A 218 -10.05 13.42 17.46
N ARG A 219 -10.08 13.89 16.21
CA ARG A 219 -10.59 15.23 15.89
C ARG A 219 -11.76 15.03 14.91
N LEU A 220 -12.84 15.74 15.17
CA LEU A 220 -14.04 15.69 14.37
C LEU A 220 -14.32 17.08 13.87
N SER A 221 -14.73 17.20 12.61
CA SER A 221 -15.27 18.44 12.05
C SER A 221 -16.42 18.13 11.08
N ASP A 226 -23.10 18.15 6.97
CA ASP A 226 -24.32 17.86 7.72
C ASP A 226 -23.99 17.21 9.06
N GLN A 227 -24.57 17.73 10.13
CA GLN A 227 -24.35 17.20 11.46
C GLN A 227 -25.30 16.04 11.76
N ASP A 228 -26.37 15.95 11.00
CA ASP A 228 -27.33 14.92 11.18
C ASP A 228 -26.91 13.64 10.53
N LEU A 229 -26.40 13.74 9.34
CA LEU A 229 -25.93 12.56 8.63
C LEU A 229 -24.67 11.97 9.25
N LEU A 230 -23.93 12.84 9.92
CA LEU A 230 -22.74 12.38 10.55
C LEU A 230 -23.15 11.55 11.76
N MET A 231 -24.06 12.09 12.57
CA MET A 231 -24.63 11.35 13.70
C MET A 231 -25.33 10.01 13.30
N TYR A 232 -26.02 10.02 12.18
CA TYR A 232 -26.70 8.84 11.71
C TYR A 232 -25.70 7.77 11.42
N THR A 233 -24.63 8.20 10.76
CA THR A 233 -23.55 7.31 10.39
C THR A 233 -22.81 6.76 11.62
N ALA A 234 -22.56 7.65 12.57
CA ALA A 234 -21.97 7.26 13.84
C ALA A 234 -22.84 6.24 14.56
N GLY A 235 -24.16 6.46 14.54
CA GLY A 235 -25.05 5.51 15.16
C GLY A 235 -25.01 4.17 14.46
N PHE A 236 -25.01 4.16 13.14
CA PHE A 236 -25.01 2.86 12.44
C PHE A 236 -23.69 2.16 12.71
N LEU A 237 -22.61 2.92 12.81
CA LEU A 237 -21.32 2.30 13.15
C LEU A 237 -21.16 2.05 14.65
N GLN A 238 -22.09 2.56 15.43
CA GLN A 238 -22.06 2.43 16.89
C GLN A 238 -20.70 2.91 17.37
N ILE A 239 -20.37 4.14 16.98
CA ILE A 239 -19.21 4.84 17.52
C ILE A 239 -19.73 5.65 18.69
N GLN A 240 -19.83 5.01 19.85
CA GLN A 240 -20.39 5.65 21.01
C GLN A 240 -19.66 6.91 21.46
N GLU A 241 -18.35 6.97 21.29
CA GLU A 241 -17.54 8.09 21.87
C GLU A 241 -17.96 9.44 21.26
N ILE A 242 -18.48 9.41 20.05
CA ILE A 242 -18.88 10.64 19.39
C ILE A 242 -20.07 11.28 20.10
N MET A 243 -20.87 10.49 20.79
CA MET A 243 -21.98 11.01 21.55
C MET A 243 -21.55 11.67 22.87
N GLU A 244 -20.32 11.47 23.34
CA GLU A 244 -19.86 12.13 24.59
C GLU A 244 -19.57 13.59 24.36
N LYS A 245 -20.49 14.49 24.75
CA LYS A 245 -20.35 15.93 24.46
C LYS A 245 -19.59 16.73 25.51
N GLY A 246 -19.24 16.09 26.63
CA GLY A 246 -18.55 16.82 27.68
C GLY A 246 -19.50 17.67 28.49
N THR A 247 -18.98 18.72 29.07
CA THR A 247 -19.68 19.43 30.16
C THR A 247 -19.49 20.89 29.96
N GLU A 248 -20.56 21.63 30.03
CA GLU A 248 -20.47 23.09 30.00
C GLU A 248 -20.60 23.60 31.42
N PHE A 249 -19.61 24.33 31.89
CA PHE A 249 -19.65 24.78 33.26
C PHE A 249 -19.88 26.28 33.25
N PHE A 250 -21.09 26.68 33.59
CA PHE A 250 -21.44 28.10 33.65
C PHE A 250 -21.04 28.67 34.99
N LEU A 251 -20.09 29.59 34.96
CA LEU A 251 -19.59 30.22 36.16
C LEU A 251 -20.41 31.43 36.71
N LYS A 252 -21.58 31.71 36.13
CA LYS A 252 -22.57 32.64 36.73
C LYS A 252 -24.01 32.24 36.32
N SER B 5 12.70 20.48 -15.22
CA SER B 5 11.69 20.11 -14.20
C SER B 5 10.46 19.32 -14.72
N ASP B 6 10.03 19.49 -15.97
CA ASP B 6 8.95 18.63 -16.52
C ASP B 6 9.43 17.91 -17.78
N PHE B 7 9.09 16.64 -17.93
CA PHE B 7 9.66 15.82 -19.01
C PHE B 7 8.48 15.27 -19.78
N PRO B 8 8.09 16.00 -20.81
CA PRO B 8 6.74 15.77 -21.35
C PRO B 8 6.56 14.42 -22.08
N GLN B 9 7.62 13.77 -22.57
CA GLN B 9 7.55 12.41 -23.15
C GLN B 9 7.70 11.27 -22.15
N HIS B 10 7.88 11.59 -20.88
CA HIS B 10 8.24 10.53 -19.96
C HIS B 10 7.26 9.36 -19.98
N SER B 11 6.00 9.70 -19.78
CA SER B 11 4.92 8.74 -19.76
C SER B 11 4.86 7.83 -20.95
N GLN B 12 5.12 8.39 -22.12
CA GLN B 12 5.08 7.59 -23.31
C GLN B 12 6.21 6.63 -23.25
N HIS B 13 7.41 7.11 -22.89
CA HIS B 13 8.59 6.24 -22.81
CA HIS B 13 8.61 6.23 -22.78
C HIS B 13 8.33 5.12 -21.84
N VAL B 14 7.64 5.40 -20.75
CA VAL B 14 7.41 4.33 -19.77
C VAL B 14 6.46 3.24 -20.34
N LEU B 15 5.34 3.68 -20.94
CA LEU B 15 4.42 2.72 -21.53
C LEU B 15 5.07 1.90 -22.58
N GLU B 16 5.92 2.49 -23.38
CA GLU B 16 6.67 1.71 -24.36
C GLU B 16 7.54 0.67 -23.75
N GLN B 17 8.28 1.06 -22.69
CA GLN B 17 9.09 0.09 -21.99
C GLN B 17 8.22 -0.98 -21.39
N LEU B 18 7.12 -0.61 -20.78
CA LEU B 18 6.28 -1.66 -20.20
C LEU B 18 5.77 -2.60 -21.27
N ASN B 19 5.39 -2.04 -22.41
CA ASN B 19 4.98 -2.86 -23.54
C ASN B 19 6.05 -3.77 -24.02
N GLN B 20 7.27 -3.27 -24.19
CA GLN B 20 8.40 -4.15 -24.59
C GLN B 20 8.72 -5.23 -23.58
N GLN B 21 8.57 -4.95 -22.29
CA GLN B 21 8.85 -5.96 -21.28
C GLN B 21 7.89 -7.15 -21.49
N ARG B 22 6.69 -6.80 -21.88
CA ARG B 22 5.62 -7.75 -22.11
C ARG B 22 5.95 -8.68 -23.27
N GLN B 23 6.25 -8.08 -24.41
CA GLN B 23 6.56 -8.82 -25.65
C GLN B 23 7.82 -9.69 -25.58
N LEU B 24 8.68 -9.44 -24.60
CA LEU B 24 9.90 -10.23 -24.40
C LEU B 24 9.81 -11.17 -23.21
N GLY B 25 8.71 -11.15 -22.46
CA GLY B 25 8.60 -11.97 -21.22
C GLY B 25 9.18 -11.39 -19.94
N LEU B 26 9.80 -10.22 -20.05
CA LEU B 26 10.66 -9.73 -18.97
C LEU B 26 9.85 -8.94 -17.99
N LEU B 27 10.08 -9.15 -16.68
CA LEU B 27 9.52 -8.32 -15.60
C LEU B 27 8.01 -8.27 -15.51
N CYS B 28 7.36 -9.31 -15.96
CA CYS B 28 5.92 -9.42 -15.88
C CYS B 28 5.64 -10.23 -14.65
N ASP B 29 4.38 -10.27 -14.21
CA ASP B 29 4.00 -10.89 -12.95
C ASP B 29 2.72 -11.76 -13.06
N CYS B 30 2.22 -11.96 -14.28
CA CYS B 30 1.08 -12.82 -14.51
C CYS B 30 1.10 -13.27 -15.91
N THR B 31 0.29 -14.29 -16.20
CA THR B 31 0.37 -14.96 -17.53
C THR B 31 -0.97 -15.53 -17.93
N PHE B 32 -1.38 -15.25 -19.17
CA PHE B 32 -2.61 -15.80 -19.73
C PHE B 32 -2.24 -16.98 -20.63
N VAL B 33 -2.78 -18.17 -20.38
CA VAL B 33 -2.52 -19.32 -21.28
C VAL B 33 -3.81 -19.70 -21.96
N VAL B 34 -3.83 -19.58 -23.28
CA VAL B 34 -5.05 -19.86 -24.04
C VAL B 34 -4.68 -20.44 -25.39
N ASP B 35 -5.27 -21.57 -25.77
CA ASP B 35 -4.98 -22.23 -27.05
C ASP B 35 -3.50 -22.47 -27.24
N GLY B 36 -2.82 -22.86 -26.16
CA GLY B 36 -1.36 -23.00 -26.20
C GLY B 36 -0.50 -21.74 -26.31
N VAL B 37 -1.10 -20.58 -26.54
CA VAL B 37 -0.33 -19.32 -26.54
C VAL B 37 -0.21 -18.76 -25.12
N HIS B 38 0.99 -18.28 -24.79
CA HIS B 38 1.23 -17.59 -23.52
C HIS B 38 1.36 -16.06 -23.72
N PHE B 39 0.64 -15.28 -22.92
CA PHE B 39 0.78 -13.84 -22.89
C PHE B 39 1.14 -13.45 -21.47
N LYS B 40 2.28 -12.83 -21.30
CA LYS B 40 2.69 -12.30 -20.01
C LYS B 40 2.27 -10.85 -19.97
N ALA B 41 1.99 -10.36 -18.77
CA ALA B 41 1.47 -9.03 -18.58
C ALA B 41 1.72 -8.58 -17.15
N HIS B 42 1.37 -7.35 -16.82
CA HIS B 42 1.54 -6.81 -15.49
C HIS B 42 0.20 -6.50 -14.87
N LYS B 43 -0.03 -7.05 -13.68
CA LYS B 43 -1.26 -6.86 -12.99
C LYS B 43 -1.61 -5.39 -12.85
N ALA B 44 -0.61 -4.60 -12.54
CA ALA B 44 -0.89 -3.22 -12.25
C ALA B 44 -1.39 -2.50 -13.51
N VAL B 45 -0.90 -2.87 -14.66
CA VAL B 45 -1.34 -2.22 -15.88
C VAL B 45 -2.81 -2.70 -16.20
N LEU B 46 -3.04 -4.01 -16.07
CA LEU B 46 -4.34 -4.55 -16.34
C LEU B 46 -5.35 -3.84 -15.47
N ALA B 47 -5.03 -3.71 -14.18
CA ALA B 47 -5.95 -3.14 -13.24
C ALA B 47 -6.12 -1.66 -13.48
N ALA B 48 -5.10 -0.99 -13.97
CA ALA B 48 -5.33 0.43 -14.30
C ALA B 48 -6.24 0.61 -15.55
N CYS B 49 -6.25 -0.40 -16.42
CA CYS B 49 -7.02 -0.32 -17.69
C CYS B 49 -8.44 -0.84 -17.61
N SER B 50 -8.73 -1.64 -16.60
CA SER B 50 -9.93 -2.40 -16.56
C SER B 50 -10.46 -2.65 -15.15
N GLU B 51 -11.69 -2.26 -14.90
CA GLU B 51 -12.42 -2.64 -13.69
C GLU B 51 -12.58 -4.13 -13.55
N TYR B 52 -12.72 -4.85 -14.65
CA TYR B 52 -12.79 -6.27 -14.55
C TYR B 52 -11.55 -6.86 -13.89
N PHE B 53 -10.36 -6.40 -14.30
CA PHE B 53 -9.16 -6.98 -13.74
C PHE B 53 -8.95 -6.54 -12.26
N LYS B 54 -9.18 -5.28 -11.99
CA LYS B 54 -9.06 -4.75 -10.65
C LYS B 54 -9.83 -5.62 -9.70
N MET B 55 -11.10 -5.88 -10.01
CA MET B 55 -11.94 -6.73 -9.14
C MET B 55 -11.44 -8.16 -9.07
N LEU B 56 -10.94 -8.66 -10.18
CA LEU B 56 -10.54 -10.02 -10.23
C LEU B 56 -9.39 -10.23 -9.25
N PHE B 57 -8.56 -9.22 -9.07
CA PHE B 57 -7.34 -9.34 -8.28
C PHE B 57 -7.57 -9.26 -6.79
N VAL B 58 -8.65 -8.64 -6.38
CA VAL B 58 -8.90 -8.46 -4.97
C VAL B 58 -9.16 -9.77 -4.31
N ASP B 59 -9.94 -10.61 -4.95
CA ASP B 59 -10.30 -11.87 -4.34
C ASP B 59 -9.56 -13.05 -4.92
N GLN B 60 -9.72 -13.25 -6.22
CA GLN B 60 -9.36 -14.49 -6.84
C GLN B 60 -7.90 -14.67 -6.64
N LYS B 61 -7.45 -15.89 -6.45
CA LYS B 61 -6.07 -16.11 -6.09
C LYS B 61 -5.34 -17.18 -6.87
N ASP B 62 -4.11 -16.87 -7.20
CA ASP B 62 -3.17 -17.80 -7.76
C ASP B 62 -3.48 -18.20 -9.17
N VAL B 63 -4.61 -18.85 -9.39
CA VAL B 63 -4.97 -19.22 -10.74
C VAL B 63 -6.44 -19.12 -11.00
N VAL B 64 -6.80 -18.71 -12.20
CA VAL B 64 -8.19 -18.50 -12.49
C VAL B 64 -8.55 -18.94 -13.87
N HIS B 65 -9.76 -19.42 -14.01
CA HIS B 65 -10.19 -19.85 -15.34
C HIS B 65 -11.04 -18.75 -15.97
N LEU B 66 -10.80 -18.42 -17.23
CA LEU B 66 -11.56 -17.38 -17.88
C LEU B 66 -12.16 -17.95 -19.14
N ASP B 67 -13.35 -17.46 -19.49
CA ASP B 67 -14.10 -17.97 -20.63
C ASP B 67 -13.82 -17.17 -21.88
N ILE B 68 -12.56 -17.28 -22.25
CA ILE B 68 -12.05 -16.77 -23.49
C ILE B 68 -11.26 -17.90 -24.15
N SER B 69 -11.45 -18.09 -25.46
CA SER B 69 -10.70 -19.12 -26.20
C SER B 69 -10.07 -18.63 -27.49
N ASN B 70 -10.28 -17.37 -27.83
CA ASN B 70 -9.64 -16.84 -29.00
C ASN B 70 -8.40 -16.11 -28.52
N ALA B 71 -7.27 -16.54 -29.04
CA ALA B 71 -5.96 -16.13 -28.62
C ALA B 71 -5.62 -14.85 -29.33
N ALA B 72 -5.94 -14.82 -30.62
CA ALA B 72 -5.70 -13.64 -31.43
C ALA B 72 -6.49 -12.47 -30.89
N GLY B 73 -7.74 -12.72 -30.51
CA GLY B 73 -8.64 -11.73 -29.88
C GLY B 73 -8.02 -11.21 -28.57
N LEU B 74 -7.45 -12.10 -27.76
CA LEU B 74 -6.90 -11.68 -26.49
C LEU B 74 -5.66 -10.86 -26.75
N GLY B 75 -4.88 -11.33 -27.70
CA GLY B 75 -3.65 -10.67 -28.11
C GLY B 75 -3.89 -9.22 -28.47
N GLN B 76 -4.98 -8.95 -29.19
CA GLN B 76 -5.20 -7.60 -29.62
C GLN B 76 -5.76 -6.74 -28.49
N VAL B 77 -6.61 -7.26 -27.61
CA VAL B 77 -7.11 -6.54 -26.49
C VAL B 77 -5.91 -6.14 -25.58
N LEU B 78 -4.96 -7.03 -25.39
CA LEU B 78 -3.76 -6.68 -24.60
C LEU B 78 -2.96 -5.59 -25.23
N GLU B 79 -2.76 -5.69 -26.51
CA GLU B 79 -1.96 -4.72 -27.20
C GLU B 79 -2.61 -3.37 -27.10
N PHE B 80 -3.92 -3.36 -27.17
CA PHE B 80 -4.66 -2.16 -27.06
C PHE B 80 -4.48 -1.53 -25.71
N MET B 81 -4.44 -2.35 -24.68
CA MET B 81 -4.30 -1.83 -23.33
C MET B 81 -2.99 -1.13 -23.16
N TYR B 82 -1.95 -1.76 -23.64
CA TYR B 82 -0.63 -1.20 -23.59
C TYR B 82 -0.35 -0.01 -24.47
N THR B 83 -0.92 0.01 -25.66
CA THR B 83 -0.61 1.03 -26.63
C THR B 83 -1.76 1.91 -27.01
N ALA B 84 -2.96 1.50 -26.66
CA ALA B 84 -4.14 2.20 -27.10
C ALA B 84 -4.37 2.13 -28.61
N LYS B 85 -3.85 1.11 -29.28
CA LYS B 85 -4.05 0.97 -30.70
C LYS B 85 -4.83 -0.26 -31.01
N LEU B 86 -5.83 -0.13 -31.85
CA LEU B 86 -6.63 -1.24 -32.28
C LEU B 86 -7.08 -1.13 -33.78
N SER B 87 -6.94 -2.25 -34.50
CA SER B 87 -7.25 -2.36 -35.94
C SER B 87 -8.28 -3.41 -36.08
N LEU B 88 -9.50 -2.98 -36.37
CA LEU B 88 -10.63 -3.87 -36.49
C LEU B 88 -11.04 -4.07 -37.97
N SER B 89 -11.31 -5.32 -38.33
CA SER B 89 -11.79 -5.76 -39.65
C SER B 89 -12.87 -6.78 -39.51
N PRO B 90 -13.63 -7.07 -40.60
CA PRO B 90 -14.66 -8.08 -40.43
C PRO B 90 -14.05 -9.46 -40.24
N GLU B 91 -12.77 -9.63 -40.54
CA GLU B 91 -12.00 -10.81 -40.14
C GLU B 91 -11.81 -11.00 -38.58
N ASN B 92 -11.71 -9.92 -37.80
CA ASN B 92 -11.37 -10.08 -36.36
C ASN B 92 -12.37 -9.49 -35.41
N VAL B 93 -13.37 -8.82 -35.93
CA VAL B 93 -14.22 -8.08 -35.06
C VAL B 93 -14.95 -8.96 -34.04
N ASP B 94 -15.46 -10.10 -34.48
CA ASP B 94 -16.21 -10.96 -33.60
C ASP B 94 -15.36 -11.48 -32.50
N ASP B 95 -14.15 -11.85 -32.84
CA ASP B 95 -13.23 -12.38 -31.86
C ASP B 95 -12.91 -11.33 -30.81
N VAL B 96 -12.61 -10.13 -31.25
CA VAL B 96 -12.26 -9.06 -30.35
C VAL B 96 -13.45 -8.74 -29.50
N LEU B 97 -14.60 -8.71 -30.12
CA LEU B 97 -15.85 -8.40 -29.43
C LEU B 97 -16.17 -9.39 -28.33
N ALA B 98 -15.94 -10.69 -28.58
CA ALA B 98 -16.24 -11.70 -27.57
C ALA B 98 -15.30 -11.51 -26.32
N VAL B 99 -14.00 -11.36 -26.56
CA VAL B 99 -13.02 -11.01 -25.51
C VAL B 99 -13.36 -9.69 -24.79
N ALA B 100 -13.63 -8.61 -25.52
CA ALA B 100 -14.01 -7.34 -24.88
C ALA B 100 -15.31 -7.48 -24.08
N THR B 101 -16.18 -8.34 -24.55
CA THR B 101 -17.45 -8.56 -23.86
C THR B 101 -17.23 -9.30 -22.54
N PHE B 102 -16.42 -10.35 -22.55
CA PHE B 102 -16.11 -11.01 -21.32
C PHE B 102 -15.47 -10.05 -20.32
N LEU B 103 -14.50 -9.27 -20.78
CA LEU B 103 -13.74 -8.36 -19.91
C LEU B 103 -14.44 -7.02 -19.64
N GLN B 104 -15.67 -6.89 -20.12
CA GLN B 104 -16.47 -5.68 -19.88
C GLN B 104 -15.69 -4.40 -20.17
N MET B 105 -15.01 -4.38 -21.32
CA MET B 105 -14.34 -3.19 -21.85
C MET B 105 -15.25 -2.49 -22.90
N GLN B 106 -15.95 -1.51 -22.38
CA GLN B 106 -17.00 -0.77 -23.07
C GLN B 106 -16.50 0.00 -24.33
N ASP B 107 -15.33 0.61 -24.24
CA ASP B 107 -14.66 1.26 -25.38
C ASP B 107 -14.56 0.30 -26.59
N ILE B 108 -13.96 -0.84 -26.36
CA ILE B 108 -13.70 -1.80 -27.41
C ILE B 108 -15.03 -2.32 -27.93
N ILE B 109 -15.96 -2.58 -27.02
CA ILE B 109 -17.28 -3.05 -27.37
C ILE B 109 -17.96 -2.07 -28.35
N THR B 110 -18.02 -0.81 -27.98
CA THR B 110 -18.72 0.15 -28.79
C THR B 110 -18.03 0.28 -30.14
N ALA B 111 -16.69 0.19 -30.16
CA ALA B 111 -16.00 0.27 -31.43
C ALA B 111 -16.28 -0.94 -32.33
N CYS B 112 -16.42 -2.12 -31.73
CA CYS B 112 -16.81 -3.31 -32.45
C CYS B 112 -18.25 -3.16 -33.01
N HIS B 113 -19.14 -2.60 -32.20
CA HIS B 113 -20.53 -2.42 -32.57
C HIS B 113 -20.66 -1.44 -33.72
N ALA B 114 -19.83 -0.38 -33.69
CA ALA B 114 -19.80 0.60 -34.77
C ALA B 114 -19.38 -0.06 -36.07
N LEU B 115 -18.21 -0.70 -36.07
CA LEU B 115 -17.78 -1.41 -37.25
C LEU B 115 -18.89 -2.32 -37.78
N LYS B 116 -19.59 -3.01 -36.90
CA LYS B 116 -20.58 -3.97 -37.37
C LYS B 116 -21.85 -3.27 -37.96
N SER B 117 -22.25 -2.14 -37.36
CA SER B 117 -23.33 -1.30 -37.90
C SER B 117 -23.01 -0.81 -39.34
N LEU B 118 -21.73 -0.71 -39.69
CA LEU B 118 -21.29 -0.26 -41.04
C LEU B 118 -21.16 -1.37 -42.11
N ALA B 119 -20.85 -2.60 -41.73
CA ALA B 119 -20.57 -3.68 -42.68
C ALA B 119 -21.81 -4.23 -43.45
N THR B 131 -19.84 -5.49 -46.32
CA THR B 131 -18.65 -4.79 -46.83
C THR B 131 -17.32 -5.31 -46.17
N ALA B 132 -16.17 -4.88 -46.72
CA ALA B 132 -14.85 -5.16 -46.14
C ALA B 132 -14.29 -3.93 -45.30
N GLN B 133 -15.22 -3.21 -44.66
CA GLN B 133 -14.96 -2.02 -43.82
C GLN B 133 -13.87 -2.26 -42.74
N THR B 134 -12.97 -1.28 -42.56
CA THR B 134 -12.04 -1.28 -41.43
C THR B 134 -12.13 -0.01 -40.57
N LEU B 135 -11.53 -0.13 -39.37
CA LEU B 135 -11.68 0.84 -38.31
C LEU B 135 -10.40 0.74 -37.48
N GLN B 136 -9.65 1.83 -37.49
N GLN B 136 -9.63 1.83 -37.46
CA GLN B 136 -8.45 1.97 -36.70
CA GLN B 136 -8.36 1.91 -36.71
C GLN B 136 -8.80 2.96 -35.56
C GLN B 136 -8.37 3.02 -35.63
N MET B 137 -8.37 2.61 -34.35
CA MET B 137 -8.41 3.53 -33.19
C MET B 137 -6.98 3.71 -32.68
N GLU B 138 -6.70 4.93 -32.23
CA GLU B 138 -5.39 5.34 -31.77
C GLU B 138 -5.55 6.50 -30.76
N ILE B 139 -4.90 6.47 -29.59
CA ILE B 139 -4.65 7.74 -28.85
C ILE B 139 -3.20 8.20 -29.05
N PRO B 140 -3.00 9.35 -29.69
CA PRO B 140 -1.62 9.84 -29.91
C PRO B 140 -0.93 10.18 -28.56
N ASN B 141 0.37 9.92 -28.47
CA ASN B 141 1.10 10.21 -27.24
C ASN B 141 0.33 9.63 -26.04
N PHE B 142 0.05 8.35 -26.13
CA PHE B 142 -0.63 7.63 -25.09
C PHE B 142 0.32 7.34 -23.95
N GLY B 143 -0.18 7.23 -22.72
CA GLY B 143 0.67 6.83 -21.63
C GLY B 143 0.42 7.53 -20.32
N ASN B 144 0.08 8.79 -20.40
CA ASN B 144 -0.10 9.57 -19.22
C ASN B 144 -1.16 9.06 -18.28
N SER B 145 -2.33 8.67 -18.78
CA SER B 145 -3.39 8.29 -17.89
C SER B 145 -2.98 7.04 -17.13
N ILE B 146 -2.21 6.18 -17.77
CA ILE B 146 -1.84 4.95 -17.10
C ILE B 146 -0.77 5.18 -16.04
N LEU B 147 0.20 6.05 -16.35
CA LEU B 147 1.24 6.38 -15.41
C LEU B 147 0.63 6.98 -14.17
N GLU B 148 -0.38 7.82 -14.35
CA GLU B 148 -1.10 8.43 -13.22
C GLU B 148 -1.74 7.41 -12.35
N CYS B 149 -2.33 6.39 -12.96
CA CYS B 149 -2.89 5.33 -12.15
CA CYS B 149 -2.91 5.32 -12.12
C CYS B 149 -1.83 4.54 -11.39
N LEU B 150 -0.67 4.37 -12.03
CA LEU B 150 0.39 3.54 -11.43
C LEU B 150 0.95 4.29 -10.20
N ASN B 151 1.05 5.61 -10.31
CA ASN B 151 1.40 6.44 -9.23
C ASN B 151 0.45 6.30 -8.12
N GLU B 152 -0.86 6.45 -8.38
CA GLU B 152 -1.85 6.28 -7.33
C GLU B 152 -1.74 4.91 -6.69
N GLN B 153 -1.58 3.86 -7.47
CA GLN B 153 -1.42 2.56 -6.86
C GLN B 153 -0.22 2.59 -5.91
N ARG B 154 0.84 3.26 -6.34
CA ARG B 154 2.08 3.20 -5.62
C ARG B 154 1.95 3.87 -4.26
N LEU B 155 1.33 5.02 -4.25
CA LEU B 155 1.01 5.74 -3.04
C LEU B 155 0.18 4.97 -2.01
N GLN B 156 -0.42 3.84 -2.43
CA GLN B 156 -1.16 2.97 -1.49
C GLN B 156 -0.63 1.57 -1.42
N GLY B 157 0.51 1.35 -2.02
CA GLY B 157 1.14 0.06 -1.96
C GLY B 157 0.45 -0.99 -2.77
N LEU B 158 -0.34 -0.58 -3.74
CA LEU B 158 -1.09 -1.55 -4.51
C LEU B 158 -0.22 -2.15 -5.57
N TYR B 159 -0.12 -3.46 -5.55
CA TYR B 159 0.59 -4.21 -6.57
C TYR B 159 2.10 -4.08 -6.49
N CYS B 160 2.60 -3.44 -5.44
CA CYS B 160 4.02 -3.21 -5.34
C CYS B 160 4.73 -4.48 -4.98
N ASP B 161 5.77 -4.81 -5.72
CA ASP B 161 6.45 -6.07 -5.54
C ASP B 161 7.89 -5.91 -5.13
N VAL B 162 8.25 -4.73 -4.70
CA VAL B 162 9.57 -4.51 -4.20
C VAL B 162 9.56 -3.35 -3.25
N SER B 163 10.50 -3.41 -2.30
CA SER B 163 10.86 -2.24 -1.48
C SER B 163 12.36 -1.92 -1.60
N VAL B 164 12.63 -0.63 -1.67
CA VAL B 164 13.92 -0.11 -1.86
C VAL B 164 14.21 0.58 -0.50
N VAL B 165 15.20 0.08 0.23
CA VAL B 165 15.51 0.59 1.57
C VAL B 165 16.69 1.51 1.48
N VAL B 166 16.49 2.74 1.90
CA VAL B 166 17.49 3.75 1.87
C VAL B 166 17.60 4.28 3.30
N LYS B 167 18.61 3.81 4.04
CA LYS B 167 18.87 4.26 5.44
C LYS B 167 17.69 4.07 6.40
N GLY B 168 17.22 2.84 6.56
CA GLY B 168 16.00 2.62 7.33
C GLY B 168 14.63 2.95 6.71
N HIS B 169 14.56 3.67 5.59
CA HIS B 169 13.26 4.03 4.98
C HIS B 169 12.92 3.08 3.82
N ALA B 170 11.80 2.37 3.91
CA ALA B 170 11.36 1.46 2.86
C ALA B 170 10.45 2.21 1.86
N PHE B 171 10.83 2.27 0.58
CA PHE B 171 9.94 2.82 -0.50
C PHE B 171 9.36 1.71 -1.33
N LYS B 172 8.06 1.65 -1.38
CA LYS B 172 7.40 0.64 -2.16
C LYS B 172 7.31 1.07 -3.59
N ALA B 173 7.40 0.10 -4.48
CA ALA B 173 7.31 0.42 -5.86
C ALA B 173 7.04 -0.83 -6.65
N HIS B 174 6.74 -0.62 -7.94
CA HIS B 174 6.68 -1.69 -8.95
C HIS B 174 8.05 -1.88 -9.65
N ARG B 175 8.57 -3.08 -9.61
CA ARG B 175 9.77 -3.47 -10.26
C ARG B 175 9.75 -2.97 -11.70
N ALA B 176 8.63 -3.18 -12.37
CA ALA B 176 8.51 -2.90 -13.82
C ALA B 176 8.54 -1.47 -14.11
N VAL B 177 7.97 -0.64 -13.26
CA VAL B 177 8.07 0.82 -13.51
C VAL B 177 9.49 1.36 -13.28
N LEU B 178 10.15 0.94 -12.19
CA LEU B 178 11.53 1.35 -11.92
C LEU B 178 12.43 0.95 -13.04
N ALA B 179 12.25 -0.26 -13.54
CA ALA B 179 13.03 -0.71 -14.66
C ALA B 179 12.76 0.05 -15.95
N ALA B 180 11.61 0.67 -16.06
CA ALA B 180 11.26 1.34 -17.29
C ALA B 180 12.12 2.54 -17.40
N SER B 181 12.48 3.16 -16.26
CA SER B 181 13.32 4.39 -16.32
C SER B 181 14.83 4.17 -15.95
N SER B 182 15.16 3.12 -15.22
CA SER B 182 16.51 2.92 -14.70
C SER B 182 17.08 1.65 -15.23
N SER B 183 18.25 1.74 -15.88
CA SER B 183 18.98 0.51 -16.28
C SER B 183 19.57 -0.26 -15.13
N TYR B 184 19.89 0.44 -14.05
CA TYR B 184 20.36 -0.32 -12.89
C TYR B 184 19.24 -1.27 -12.43
N PHE B 185 18.03 -0.72 -12.22
CA PHE B 185 16.90 -1.57 -11.78
C PHE B 185 16.49 -2.59 -12.86
N ARG B 186 16.48 -2.21 -14.14
CA ARG B 186 16.18 -3.19 -15.18
C ARG B 186 17.12 -4.41 -15.09
N ASP B 187 18.42 -4.14 -15.00
CA ASP B 187 19.44 -5.21 -14.87
C ASP B 187 19.28 -5.98 -13.58
N LEU B 188 19.13 -5.31 -12.46
CA LEU B 188 18.98 -6.02 -11.20
C LEU B 188 17.75 -6.94 -11.28
N PHE B 189 16.58 -6.40 -11.61
CA PHE B 189 15.35 -7.22 -11.55
C PHE B 189 15.30 -8.28 -12.62
N ASN B 190 16.03 -8.13 -13.72
CA ASN B 190 16.08 -9.22 -14.67
C ASN B 190 16.88 -10.41 -14.17
N ASN B 191 17.80 -10.19 -13.24
CA ASN B 191 18.69 -11.28 -12.81
C ASN B 191 18.35 -11.85 -11.43
N SER B 192 18.02 -11.01 -10.46
CA SER B 192 17.55 -11.49 -9.17
C SER B 192 16.05 -11.22 -9.06
N ARG B 193 15.36 -12.03 -8.27
CA ARG B 193 13.92 -11.85 -7.96
C ARG B 193 13.72 -11.47 -6.48
N SER B 194 14.73 -10.86 -5.85
CA SER B 194 14.61 -10.46 -4.45
C SER B 194 13.69 -9.25 -4.29
N ALA B 195 12.86 -9.30 -3.26
CA ALA B 195 11.84 -8.30 -2.99
C ALA B 195 12.33 -7.12 -2.15
N VAL B 196 13.61 -7.10 -1.80
CA VAL B 196 14.21 -5.99 -1.03
C VAL B 196 15.55 -5.63 -1.62
N VAL B 197 15.87 -4.35 -1.64
CA VAL B 197 16.95 -3.88 -2.40
C VAL B 197 17.52 -2.73 -1.63
N GLU B 198 18.79 -2.76 -1.35
CA GLU B 198 19.42 -1.66 -0.64
C GLU B 198 20.29 -0.92 -1.63
N LEU B 199 20.38 0.38 -1.49
CA LEU B 199 21.28 1.16 -2.34
C LEU B 199 22.58 1.62 -1.61
N PRO B 200 23.66 1.93 -2.35
CA PRO B 200 24.93 2.41 -1.79
C PRO B 200 24.71 3.50 -0.75
N ALA B 201 25.59 3.47 0.25
CA ALA B 201 25.47 4.30 1.43
C ALA B 201 25.40 5.76 1.10
N ALA B 202 25.97 6.18 0.00
CA ALA B 202 25.88 7.61 -0.34
C ALA B 202 24.49 8.09 -0.63
N VAL B 203 23.55 7.16 -0.97
CA VAL B 203 22.22 7.59 -1.38
C VAL B 203 21.37 7.98 -0.19
N GLN B 204 20.92 9.22 -0.16
CA GLN B 204 20.01 9.71 0.88
C GLN B 204 18.50 9.52 0.58
N PRO B 205 17.69 9.43 1.64
CA PRO B 205 16.25 9.27 1.43
C PRO B 205 15.60 10.36 0.60
N GLN B 206 15.94 11.62 0.85
CA GLN B 206 15.31 12.71 0.12
C GLN B 206 15.65 12.61 -1.39
N SER B 207 16.85 12.16 -1.67
CA SER B 207 17.31 12.01 -3.01
C SER B 207 16.62 10.88 -3.78
N PHE B 208 16.54 9.72 -3.18
CA PHE B 208 15.79 8.66 -3.77
C PHE B 208 14.30 9.03 -3.93
N GLN B 209 13.80 9.83 -3.01
CA GLN B 209 12.42 10.26 -3.06
C GLN B 209 12.13 11.02 -4.33
N GLN B 210 12.94 12.01 -4.64
CA GLN B 210 12.77 12.79 -5.82
C GLN B 210 12.93 11.96 -7.12
N ILE B 211 13.77 10.95 -7.05
CA ILE B 211 14.00 10.10 -8.16
C ILE B 211 12.79 9.23 -8.36
N LEU B 212 12.26 8.73 -7.26
CA LEU B 212 11.11 7.90 -7.33
C LEU B 212 9.89 8.66 -7.90
N SER B 213 9.75 9.89 -7.49
CA SER B 213 8.67 10.69 -7.95
C SER B 213 8.78 10.95 -9.45
N PHE B 214 9.97 11.23 -9.91
CA PHE B 214 10.24 11.40 -11.30
C PHE B 214 9.90 10.15 -12.10
N CYS B 215 10.22 8.99 -11.59
CA CYS B 215 9.92 7.76 -12.35
C CYS B 215 8.42 7.60 -12.56
N TYR B 216 7.66 8.05 -11.59
CA TYR B 216 6.24 7.91 -11.61
C TYR B 216 5.45 9.10 -12.12
N THR B 217 6.06 10.26 -12.23
CA THR B 217 5.36 11.43 -12.69
C THR B 217 5.98 12.24 -13.80
N GLY B 218 7.23 12.03 -14.10
CA GLY B 218 7.91 12.83 -15.09
C GLY B 218 8.20 14.24 -14.64
N ARG B 219 8.11 14.51 -13.36
CA ARG B 219 8.44 15.82 -12.83
C ARG B 219 9.57 15.62 -11.84
N LEU B 220 10.53 16.51 -11.91
CA LEU B 220 11.67 16.53 -11.05
C LEU B 220 11.82 17.89 -10.40
N SER B 221 12.01 17.90 -9.08
CA SER B 221 12.29 19.14 -8.35
C SER B 221 13.30 18.83 -7.27
N MET B 222 14.16 19.81 -6.96
CA MET B 222 15.27 19.68 -5.99
C MET B 222 15.19 20.72 -4.84
N ASN B 223 15.73 20.37 -3.66
CA ASN B 223 15.77 21.32 -2.52
C ASN B 223 16.98 22.27 -2.55
N ASP B 226 19.73 18.68 -2.39
CA ASP B 226 20.70 19.32 -3.30
C ASP B 226 20.90 18.60 -4.66
N GLN B 227 21.27 19.41 -5.64
CA GLN B 227 21.42 18.96 -7.00
C GLN B 227 22.53 17.88 -7.23
N ASP B 228 23.71 18.05 -6.63
CA ASP B 228 24.83 17.17 -6.99
C ASP B 228 24.51 15.75 -6.61
N LEU B 229 23.90 15.57 -5.45
CA LEU B 229 23.63 14.27 -4.98
C LEU B 229 22.49 13.61 -5.75
N LEU B 230 21.61 14.45 -6.27
CA LEU B 230 20.52 13.96 -7.02
C LEU B 230 21.09 13.39 -8.31
N MET B 231 21.95 14.17 -8.95
CA MET B 231 22.61 13.74 -10.20
C MET B 231 23.48 12.52 -10.01
N TYR B 232 24.16 12.45 -8.87
CA TYR B 232 25.00 11.29 -8.58
C TYR B 232 24.17 10.05 -8.52
N THR B 233 23.03 10.18 -7.82
CA THR B 233 22.12 9.09 -7.60
C THR B 233 21.48 8.67 -8.93
N ALA B 234 21.13 9.65 -9.75
CA ALA B 234 20.59 9.39 -11.09
C ALA B 234 21.61 8.64 -11.88
N GLY B 235 22.88 9.02 -11.75
CA GLY B 235 23.93 8.34 -12.48
C GLY B 235 24.18 6.92 -12.05
N PHE B 236 24.17 6.69 -10.76
CA PHE B 236 24.27 5.33 -10.28
C PHE B 236 23.04 4.53 -10.71
N LEU B 237 21.84 5.12 -10.67
CA LEU B 237 20.66 4.35 -11.17
C LEU B 237 20.55 4.31 -12.71
N GLN B 238 21.37 5.12 -13.39
CA GLN B 238 21.41 5.17 -14.84
C GLN B 238 19.97 5.49 -15.28
N ILE B 239 19.45 6.59 -14.74
CA ILE B 239 18.19 7.15 -15.18
C ILE B 239 18.52 8.14 -16.29
N GLN B 240 18.79 7.62 -17.48
CA GLN B 240 19.34 8.44 -18.55
C GLN B 240 18.50 9.71 -18.86
N GLU B 241 17.21 9.61 -18.73
CA GLU B 241 16.33 10.68 -19.15
C GLU B 241 16.55 11.96 -18.34
N ILE B 242 17.06 11.85 -17.13
CA ILE B 242 17.31 13.03 -16.33
C ILE B 242 18.43 13.88 -16.93
N MET B 243 19.31 13.30 -17.73
CA MET B 243 20.38 14.02 -18.44
C MET B 243 19.96 14.64 -19.78
N GLU B 244 18.70 14.48 -20.17
CA GLU B 244 18.17 15.20 -21.29
C GLU B 244 17.69 16.57 -20.85
N LYS B 245 18.58 17.57 -20.96
CA LYS B 245 18.38 18.91 -20.38
C LYS B 245 17.86 19.95 -21.39
N GLY B 246 17.59 19.52 -22.61
CA GLY B 246 16.98 20.41 -23.58
C GLY B 246 17.96 21.31 -24.29
N THR B 247 17.48 22.43 -24.78
CA THR B 247 18.22 23.24 -25.75
C THR B 247 17.99 24.72 -25.42
N GLU B 248 19.04 25.47 -25.30
CA GLU B 248 18.88 26.91 -25.13
C GLU B 248 19.12 27.53 -26.51
N PHE B 249 18.17 28.31 -26.99
CA PHE B 249 18.25 28.82 -28.33
C PHE B 249 18.45 30.31 -28.22
N PHE B 250 19.67 30.76 -28.45
CA PHE B 250 19.98 32.19 -28.33
C PHE B 250 19.62 32.88 -29.65
N LEU B 251 18.65 33.79 -29.59
CA LEU B 251 18.14 34.48 -30.76
C LEU B 251 18.90 35.76 -31.17
N LYS B 252 19.98 36.12 -30.47
CA LYS B 252 20.75 37.34 -30.79
C LYS B 252 22.25 37.18 -30.46
#